data_3D7T
#
_entry.id   3D7T
#
_cell.length_a   99.646
_cell.length_b   99.646
_cell.length_c   137.058
_cell.angle_alpha   90.00
_cell.angle_beta   90.00
_cell.angle_gamma   120.00
#
_symmetry.space_group_name_H-M   'P 31 2 1'
#
loop_
_entity.id
_entity.type
_entity.pdbx_description
1 polymer 'Tyrosine-protein kinase CSK'
2 polymer 'Proto-oncogene tyrosine-protein kinase Src'
3 non-polymer STAUROSPORINE
#
loop_
_entity_poly.entity_id
_entity_poly.type
_entity_poly.pdbx_seq_one_letter_code
_entity_poly.pdbx_strand_id
1 'polypeptide(L)'
;GPLGSGWALNMKELKLLQTIGKGEFGDVMLGDYRGNKVAVKCIKNDATAQAFLAEASVMTQLRHSNLVQLLGVIVEEKGG
LYIVTEYMAKGSLVDYLRSRGRSVLGGDCLLKFSLDVCEAMEYLEGNNFVHRDLAARNVLVSEDNVAKVSDFGLTKEASS
TQDTGKLPVKWTAPEALREAAFSTKSDVWSFGILLWEIYSFGRVPYPRIPLKDVVPRVEKGYKMDAPDGCPPAVYEVMKN
CWHLDAAMRPSFLQLREQLEHIKTHELHL
;
A
2 'polypeptide(L)'
;GHMQTQGLAKDAWEIPRESLRLEVKLGQGCFGEVWMGTWNGTTRVAIKTLKPGTMSPEAFLQEAQVMKKLRHEKLVQLYA
VVSEEPIYIVTEYMSKGSLLDFLKGEMGKYLRLPQLVDMAAQIASGMAYVERMNYVHRDLRAANILVGENLVCKVADFGL
ARLIEDNEYTARQGAKFPIKWTAPEAALYGRFTIKSDVWSFGILLTELTTKGRVPYPGMVNREVLDQVERGYRMPCPPEC
PESLHDLMCQCWRKDPEERPTFEYLQAFLEDYFTSTEPQYQPGENL
;
B
#
loop_
_chem_comp.id
_chem_comp.type
_chem_comp.name
_chem_comp.formula
STU non-polymer STAUROSPORINE 'C28 H26 N4 O3'
#
# COMPACT_ATOMS: atom_id res chain seq x y z
N TRP A 7 3.77 -2.82 -41.06
CA TRP A 7 3.34 -3.52 -39.85
C TRP A 7 4.23 -4.73 -39.57
N ALA A 8 5.07 -5.08 -40.54
CA ALA A 8 5.95 -6.24 -40.41
C ALA A 8 7.28 -5.86 -39.76
N LEU A 9 7.82 -6.79 -38.98
CA LEU A 9 9.17 -6.67 -38.44
C LEU A 9 9.87 -7.99 -38.64
N ASN A 10 11.18 -7.94 -38.85
CA ASN A 10 11.94 -9.17 -39.01
C ASN A 10 12.49 -9.67 -37.69
N MET A 11 12.00 -10.83 -37.27
CA MET A 11 12.32 -11.40 -35.97
C MET A 11 13.80 -11.43 -35.62
N LYS A 12 14.65 -11.69 -36.61
CA LYS A 12 16.07 -11.97 -36.36
C LYS A 12 16.79 -10.89 -35.54
N GLU A 13 16.55 -9.62 -35.86
CA GLU A 13 17.26 -8.51 -35.23
C GLU A 13 16.62 -8.05 -33.93
N LEU A 14 15.68 -8.83 -33.42
CA LEU A 14 15.01 -8.52 -32.15
C LEU A 14 15.52 -9.42 -31.03
N LYS A 15 16.14 -8.82 -30.02
CA LYS A 15 16.71 -9.58 -28.93
C LYS A 15 15.86 -9.52 -27.67
N LEU A 16 15.05 -10.56 -27.45
CA LEU A 16 14.20 -10.65 -26.26
C LEU A 16 15.04 -10.64 -24.99
N LEU A 17 14.56 -9.91 -23.98
CA LEU A 17 15.35 -9.74 -22.77
C LEU A 17 14.79 -10.43 -21.52
N GLN A 18 13.54 -10.14 -21.16
CA GLN A 18 12.98 -10.70 -19.93
C GLN A 18 11.47 -10.58 -19.79
N THR A 19 10.89 -11.42 -18.93
CA THR A 19 9.44 -11.43 -18.74
C THR A 19 8.99 -10.49 -17.63
N ILE A 20 8.62 -9.28 -18.02
CA ILE A 20 8.14 -8.27 -17.09
C ILE A 20 6.68 -8.51 -16.71
N GLY A 21 6.02 -9.42 -17.43
CA GLY A 21 4.59 -9.62 -17.27
C GLY A 21 4.14 -11.06 -17.41
N LYS A 22 3.27 -11.48 -16.50
CA LYS A 22 2.76 -12.84 -16.48
C LYS A 22 1.24 -12.85 -16.36
N GLY A 23 0.57 -12.19 -17.29
CA GLY A 23 -0.88 -12.15 -17.32
C GLY A 23 -1.45 -13.53 -17.62
N GLU A 24 -2.47 -13.92 -16.85
CA GLU A 24 -3.15 -15.20 -17.06
C GLU A 24 -3.88 -15.17 -18.40
N PHE A 25 -3.62 -14.10 -19.15
CA PHE A 25 -4.27 -13.82 -20.42
C PHE A 25 -3.19 -13.68 -21.49
N GLY A 26 -1.95 -13.50 -21.03
CA GLY A 26 -0.80 -13.36 -21.91
C GLY A 26 0.53 -13.24 -21.20
N ASP A 27 1.61 -13.39 -21.98
CA ASP A 27 2.98 -13.30 -21.48
C ASP A 27 3.71 -12.10 -22.11
N VAL A 28 4.05 -11.10 -21.30
CA VAL A 28 4.67 -9.87 -21.80
C VAL A 28 6.18 -9.81 -21.54
N MET A 29 6.94 -9.30 -22.51
CA MET A 29 8.40 -9.28 -22.39
C MET A 29 9.08 -8.03 -22.97
N LEU A 30 10.31 -7.79 -22.53
CA LEU A 30 11.09 -6.67 -23.02
C LEU A 30 12.01 -7.11 -24.14
N GLY A 31 12.33 -6.18 -25.04
CA GLY A 31 13.26 -6.46 -26.11
C GLY A 31 14.14 -5.28 -26.49
N ASP A 32 14.67 -5.33 -27.71
CA ASP A 32 15.48 -4.27 -28.26
C ASP A 32 15.70 -4.54 -29.76
N TYR A 33 14.96 -3.81 -30.60
CA TYR A 33 15.11 -3.92 -32.05
C TYR A 33 15.83 -2.72 -32.66
N ARG A 34 17.09 -2.92 -33.01
CA ARG A 34 17.90 -1.88 -33.64
C ARG A 34 18.36 -0.76 -32.67
N GLY A 35 17.80 -0.73 -31.47
CA GLY A 35 18.24 0.23 -30.47
C GLY A 35 17.21 0.67 -29.46
N ASN A 36 15.93 0.48 -29.77
CA ASN A 36 14.86 0.90 -28.89
C ASN A 36 14.24 -0.25 -28.11
N LYS A 37 14.17 -0.11 -26.79
CA LYS A 37 13.57 -1.13 -25.94
C LYS A 37 12.08 -1.28 -26.24
N VAL A 38 11.62 -2.52 -26.32
CA VAL A 38 10.27 -2.81 -26.80
C VAL A 38 9.53 -3.78 -25.87
N ALA A 39 8.22 -3.64 -25.79
CA ALA A 39 7.40 -4.60 -25.07
C ALA A 39 6.79 -5.61 -26.06
N VAL A 40 7.14 -6.88 -25.91
CA VAL A 40 6.63 -7.92 -26.80
C VAL A 40 5.63 -8.82 -26.10
N LYS A 41 4.37 -8.75 -26.52
CA LYS A 41 3.33 -9.64 -26.01
C LYS A 41 3.42 -11.01 -26.68
N CYS A 42 3.87 -11.99 -25.92
CA CYS A 42 4.04 -13.36 -26.41
C CYS A 42 2.83 -14.20 -26.08
N ILE A 43 2.23 -14.82 -27.09
CA ILE A 43 1.09 -15.68 -26.84
C ILE A 43 1.18 -17.04 -27.51
N LYS A 44 0.98 -18.08 -26.70
CA LYS A 44 0.84 -19.43 -27.19
C LYS A 44 -0.64 -19.81 -27.02
N ASN A 45 -1.01 -20.27 -25.83
CA ASN A 45 -2.40 -20.55 -25.51
C ASN A 45 -3.05 -21.33 -26.66
N ASP A 46 -2.48 -22.50 -26.96
CA ASP A 46 -2.75 -23.19 -28.23
C ASP A 46 -2.24 -22.31 -29.36
N ALA A 47 -3.12 -21.98 -30.28
CA ALA A 47 -2.88 -20.94 -31.27
C ALA A 47 -3.93 -19.87 -31.07
N THR A 48 -4.68 -20.00 -29.97
CA THR A 48 -5.70 -19.03 -29.59
C THR A 48 -5.08 -17.67 -29.30
N ALA A 49 -3.94 -17.44 -29.95
CA ALA A 49 -3.36 -16.11 -30.01
C ALA A 49 -4.02 -15.37 -31.15
N GLN A 50 -5.30 -15.68 -31.40
CA GLN A 50 -5.97 -15.16 -32.58
C GLN A 50 -6.81 -13.91 -32.32
N ALA A 51 -7.81 -14.01 -31.45
CA ALA A 51 -8.65 -12.86 -31.14
C ALA A 51 -7.83 -11.64 -30.76
N PHE A 52 -6.54 -11.87 -30.51
CA PHE A 52 -5.62 -10.78 -30.16
C PHE A 52 -5.09 -10.10 -31.41
N LEU A 53 -5.31 -10.73 -32.55
CA LEU A 53 -4.93 -10.17 -33.84
C LEU A 53 -5.99 -9.19 -34.33
N ALA A 54 -7.23 -9.44 -33.95
CA ALA A 54 -8.32 -8.50 -34.22
C ALA A 54 -8.13 -7.27 -33.35
N GLU A 55 -7.59 -7.50 -32.15
CA GLU A 55 -7.22 -6.43 -31.24
C GLU A 55 -6.06 -5.63 -31.84
N ALA A 56 -4.99 -6.34 -32.22
CA ALA A 56 -3.82 -5.71 -32.81
C ALA A 56 -4.18 -4.92 -34.06
N SER A 57 -5.40 -5.13 -34.55
CA SER A 57 -5.90 -4.46 -35.74
C SER A 57 -6.34 -3.03 -35.49
N VAL A 58 -7.27 -2.86 -34.56
CA VAL A 58 -7.75 -1.51 -34.23
C VAL A 58 -6.63 -0.67 -33.63
N MET A 59 -5.54 -1.32 -33.21
CA MET A 59 -4.37 -0.61 -32.71
C MET A 59 -3.58 -0.01 -33.88
N THR A 60 -4.18 -0.08 -35.07
CA THR A 60 -3.59 0.48 -36.29
C THR A 60 -4.40 1.64 -36.85
N GLN A 61 -5.72 1.48 -36.87
CA GLN A 61 -6.63 2.53 -37.34
C GLN A 61 -7.16 3.38 -36.18
N LEU A 62 -6.51 3.24 -35.03
CA LEU A 62 -6.79 4.07 -33.84
C LEU A 62 -5.50 4.26 -33.04
N ARG A 63 -5.00 5.49 -33.00
CA ARG A 63 -3.78 5.80 -32.25
C ARG A 63 -3.76 7.23 -31.68
N HIS A 64 -3.31 7.32 -30.43
CA HIS A 64 -3.15 8.60 -29.75
C HIS A 64 -1.77 8.53 -29.14
N SER A 65 -1.21 9.67 -28.72
CA SER A 65 0.09 9.63 -28.05
C SER A 65 -0.09 9.17 -26.60
N ASN A 66 -1.31 9.28 -26.10
CA ASN A 66 -1.67 8.82 -24.76
C ASN A 66 -1.99 7.32 -24.72
N LEU A 67 -2.04 6.70 -25.89
CA LEU A 67 -2.25 5.25 -26.00
C LEU A 67 -0.91 4.57 -26.26
N VAL A 68 -0.75 3.37 -25.70
CA VAL A 68 0.45 2.60 -25.95
C VAL A 68 0.50 2.30 -27.43
N GLN A 69 1.49 2.89 -28.09
CA GLN A 69 1.67 2.78 -29.53
C GLN A 69 2.03 1.37 -29.96
N LEU A 70 1.21 0.80 -30.86
CA LEU A 70 1.50 -0.51 -31.44
C LEU A 70 2.68 -0.41 -32.40
N LEU A 71 3.83 -0.94 -31.98
CA LEU A 71 5.08 -0.78 -32.73
C LEU A 71 5.15 -1.60 -34.01
N GLY A 72 4.58 -2.80 -34.00
CA GLY A 72 4.63 -3.68 -35.15
C GLY A 72 4.26 -5.11 -34.81
N VAL A 73 4.39 -6.00 -35.79
CA VAL A 73 3.99 -7.40 -35.63
C VAL A 73 4.99 -8.38 -36.28
N ILE A 74 5.40 -9.37 -35.51
CA ILE A 74 6.27 -10.44 -35.99
C ILE A 74 5.48 -11.75 -36.06
N VAL A 75 5.30 -12.26 -37.28
CA VAL A 75 4.64 -13.55 -37.48
C VAL A 75 5.59 -14.52 -38.14
N GLU A 76 6.18 -15.41 -37.35
CA GLU A 76 7.13 -16.36 -37.90
C GLU A 76 6.41 -17.58 -38.41
N GLU A 77 7.16 -18.46 -39.07
CA GLU A 77 6.61 -19.74 -39.42
C GLU A 77 6.23 -20.50 -38.16
N LYS A 78 7.19 -20.90 -37.33
CA LYS A 78 6.88 -21.80 -36.22
C LYS A 78 5.81 -21.36 -35.22
N GLY A 79 4.88 -20.52 -35.67
CA GLY A 79 3.66 -20.26 -34.93
C GLY A 79 3.88 -19.31 -33.77
N GLY A 80 5.09 -18.77 -33.69
CA GLY A 80 5.40 -17.77 -32.70
C GLY A 80 4.65 -16.49 -33.05
N LEU A 81 3.44 -16.38 -32.51
CA LEU A 81 2.61 -15.20 -32.69
C LEU A 81 2.96 -14.19 -31.59
N TYR A 82 3.45 -13.03 -32.00
CA TYR A 82 3.95 -12.01 -31.07
C TYR A 82 3.61 -10.57 -31.47
N ILE A 83 3.01 -9.82 -30.54
CA ILE A 83 2.75 -8.40 -30.77
C ILE A 83 3.92 -7.56 -30.22
N VAL A 84 4.23 -6.44 -30.86
CA VAL A 84 5.24 -5.56 -30.32
C VAL A 84 4.67 -4.17 -30.03
N THR A 85 4.74 -3.80 -28.76
CA THR A 85 4.20 -2.55 -28.28
C THR A 85 5.32 -1.63 -27.81
N GLU A 86 5.03 -0.33 -27.76
CA GLU A 86 5.99 0.65 -27.22
C GLU A 86 6.23 0.42 -25.72
N TYR A 87 7.50 0.49 -25.30
CA TYR A 87 7.87 0.20 -23.93
C TYR A 87 7.48 1.29 -22.91
N MET A 88 6.64 0.91 -21.95
CA MET A 88 6.25 1.81 -20.87
C MET A 88 7.09 1.51 -19.63
N ALA A 89 8.25 2.18 -19.55
CA ALA A 89 9.32 1.86 -18.61
C ALA A 89 8.88 1.42 -17.22
N LYS A 90 8.07 2.26 -16.59
CA LYS A 90 7.77 2.10 -15.18
C LYS A 90 6.73 1.01 -14.91
N GLY A 91 5.76 0.88 -15.81
CA GLY A 91 4.86 -0.25 -15.77
C GLY A 91 3.48 0.07 -15.20
N SER A 92 2.94 -0.88 -14.44
CA SER A 92 1.60 -0.75 -13.88
C SER A 92 1.48 0.48 -12.98
N LEU A 93 0.52 1.34 -13.32
CA LEU A 93 0.24 2.54 -12.58
C LEU A 93 -0.20 2.20 -11.16
N VAL A 94 -0.90 1.09 -11.01
CA VAL A 94 -1.40 0.70 -9.70
C VAL A 94 -0.28 0.27 -8.77
N ASP A 95 0.68 -0.45 -9.31
CA ASP A 95 1.79 -0.90 -8.48
C ASP A 95 2.69 0.27 -8.10
N TYR A 96 2.80 1.20 -9.04
CA TYR A 96 3.64 2.38 -8.87
C TYR A 96 3.07 3.29 -7.79
N LEU A 97 1.78 3.60 -7.91
CA LEU A 97 1.11 4.42 -6.91
C LEU A 97 1.34 3.88 -5.50
N ARG A 98 1.43 2.56 -5.41
CA ARG A 98 1.46 1.88 -4.13
C ARG A 98 2.84 1.81 -3.49
N SER A 99 3.89 1.76 -4.30
CA SER A 99 5.22 1.67 -3.77
C SER A 99 5.82 3.06 -3.55
N ARG A 100 5.36 4.05 -4.32
CA ARG A 100 5.90 5.40 -4.23
C ARG A 100 5.04 6.34 -3.38
N GLY A 101 3.73 6.18 -3.42
CA GLY A 101 2.83 6.93 -2.55
C GLY A 101 2.94 8.45 -2.65
N ARG A 102 2.35 9.16 -1.68
CA ARG A 102 2.27 10.63 -1.71
C ARG A 102 3.61 11.34 -1.68
N SER A 103 4.55 10.79 -0.92
CA SER A 103 5.87 11.41 -0.77
C SER A 103 6.61 11.59 -2.10
N VAL A 104 6.06 11.01 -3.17
CA VAL A 104 6.68 11.14 -4.47
C VAL A 104 5.69 11.77 -5.45
N LEU A 105 4.47 11.25 -5.44
CA LEU A 105 3.46 11.72 -6.36
C LEU A 105 2.59 12.78 -5.70
N GLY A 106 2.91 14.04 -5.99
CA GLY A 106 2.13 15.15 -5.49
C GLY A 106 1.06 15.56 -6.49
N GLY A 107 0.29 16.59 -6.15
CA GLY A 107 -0.74 17.08 -7.04
C GLY A 107 -0.33 16.99 -8.50
N ASP A 108 0.77 17.67 -8.84
CA ASP A 108 1.21 17.72 -10.23
C ASP A 108 1.19 16.33 -10.86
N CYS A 109 1.84 15.38 -10.20
CA CYS A 109 2.03 14.04 -10.73
C CYS A 109 0.73 13.27 -10.97
N LEU A 110 -0.23 13.45 -10.07
CA LEU A 110 -1.51 12.77 -10.17
C LEU A 110 -2.38 13.42 -11.24
N LEU A 111 -2.37 14.75 -11.27
CA LEU A 111 -3.10 15.48 -12.30
C LEU A 111 -2.58 15.12 -13.69
N LYS A 112 -1.26 15.01 -13.84
CA LYS A 112 -0.65 14.60 -15.10
C LYS A 112 -1.22 13.26 -15.52
N PHE A 113 -1.06 12.25 -14.66
CA PHE A 113 -1.58 10.93 -14.94
C PHE A 113 -3.04 11.03 -15.37
N SER A 114 -3.82 11.79 -14.61
CA SER A 114 -5.25 11.91 -14.86
C SER A 114 -5.57 12.46 -16.24
N LEU A 115 -4.79 13.43 -16.70
CA LEU A 115 -4.97 14.00 -18.05
C LEU A 115 -4.50 13.07 -19.16
N ASP A 116 -3.36 12.41 -18.96
CA ASP A 116 -2.79 11.49 -19.93
C ASP A 116 -3.78 10.37 -20.27
N VAL A 117 -4.93 10.39 -19.62
CA VAL A 117 -5.96 9.38 -19.83
C VAL A 117 -7.21 10.00 -20.43
N CYS A 118 -7.71 11.06 -19.80
CA CYS A 118 -8.88 11.78 -20.28
C CYS A 118 -8.68 12.25 -21.72
N GLU A 119 -7.42 12.33 -22.13
CA GLU A 119 -7.09 12.66 -23.52
C GLU A 119 -7.11 11.41 -24.38
N ALA A 120 -6.49 10.34 -23.88
CA ALA A 120 -6.52 9.06 -24.57
C ALA A 120 -7.94 8.52 -24.62
N MET A 121 -8.80 9.13 -23.81
CA MET A 121 -10.22 8.78 -23.81
C MET A 121 -10.99 9.76 -24.67
N GLU A 122 -10.76 11.06 -24.45
CA GLU A 122 -11.34 12.09 -25.31
C GLU A 122 -11.14 11.68 -26.76
N TYR A 123 -9.97 11.11 -27.03
CA TYR A 123 -9.62 10.59 -28.34
C TYR A 123 -10.57 9.48 -28.82
N LEU A 124 -10.54 8.33 -28.15
CA LEU A 124 -11.37 7.18 -28.53
C LEU A 124 -12.86 7.47 -28.55
N GLU A 125 -13.24 8.64 -28.02
CA GLU A 125 -14.63 9.02 -27.91
C GLU A 125 -15.13 9.57 -29.25
N GLY A 126 -14.22 10.20 -29.99
CA GLY A 126 -14.54 10.74 -31.30
C GLY A 126 -14.50 9.69 -32.39
N ASN A 127 -13.57 8.75 -32.24
CA ASN A 127 -13.45 7.63 -33.18
C ASN A 127 -14.56 6.60 -33.01
N ASN A 128 -15.50 6.89 -32.11
CA ASN A 128 -16.66 6.04 -31.86
C ASN A 128 -16.35 4.78 -31.05
N PHE A 129 -15.29 4.83 -30.24
CA PHE A 129 -14.82 3.64 -29.54
C PHE A 129 -15.26 3.52 -28.08
N VAL A 130 -15.12 2.31 -27.54
CA VAL A 130 -15.49 1.99 -26.16
C VAL A 130 -14.61 0.84 -25.64
N HIS A 131 -13.93 1.07 -24.51
CA HIS A 131 -12.96 0.11 -23.96
C HIS A 131 -13.58 -1.00 -23.10
N ARG A 132 -14.53 -0.63 -22.24
CA ARG A 132 -15.28 -1.58 -21.42
C ARG A 132 -14.50 -2.11 -20.21
N ASP A 133 -13.21 -1.76 -20.10
CA ASP A 133 -12.35 -2.34 -19.07
C ASP A 133 -11.40 -1.32 -18.42
N LEU A 134 -11.91 -0.11 -18.14
CA LEU A 134 -11.07 1.00 -17.70
C LEU A 134 -10.69 0.98 -16.20
N ALA A 135 -9.51 0.44 -15.91
CA ALA A 135 -8.97 0.45 -14.55
C ALA A 135 -7.47 0.74 -14.54
N ALA A 136 -6.93 1.09 -13.38
CA ALA A 136 -5.54 1.51 -13.29
C ALA A 136 -4.56 0.34 -13.28
N ARG A 137 -5.09 -0.88 -13.23
CA ARG A 137 -4.24 -2.06 -13.37
C ARG A 137 -3.85 -2.13 -14.82
N ASN A 138 -4.67 -1.47 -15.64
CA ASN A 138 -4.57 -1.51 -17.10
C ASN A 138 -3.78 -0.33 -17.66
N VAL A 139 -3.36 0.57 -16.79
CA VAL A 139 -2.55 1.70 -17.24
C VAL A 139 -1.08 1.41 -17.01
N LEU A 140 -0.24 2.09 -17.78
CA LEU A 140 1.20 1.91 -17.69
C LEU A 140 1.89 3.27 -17.73
N VAL A 141 3.14 3.31 -17.29
CA VAL A 141 3.86 4.57 -17.17
C VAL A 141 5.22 4.52 -17.84
N SER A 142 5.53 5.59 -18.58
CA SER A 142 6.80 5.73 -19.28
C SER A 142 7.90 6.27 -18.37
N GLU A 143 9.15 6.00 -18.75
CA GLU A 143 10.30 6.52 -18.01
C GLU A 143 10.03 7.95 -17.55
N ASP A 144 9.62 8.80 -18.50
CA ASP A 144 9.41 10.22 -18.18
C ASP A 144 7.95 10.57 -17.84
N ASN A 145 7.39 9.82 -16.90
CA ASN A 145 6.13 10.17 -16.23
C ASN A 145 4.92 10.45 -17.14
N VAL A 146 4.75 9.62 -18.17
CA VAL A 146 3.55 9.71 -19.02
C VAL A 146 2.72 8.44 -18.91
N ALA A 147 1.42 8.62 -18.80
CA ALA A 147 0.50 7.52 -18.53
C ALA A 147 -0.22 7.04 -19.79
N LYS A 148 -0.03 5.77 -20.15
CA LYS A 148 -0.64 5.22 -21.35
C LYS A 148 -1.39 3.91 -21.15
N VAL A 149 -2.58 3.81 -21.74
CA VAL A 149 -3.42 2.61 -21.70
C VAL A 149 -2.82 1.45 -22.50
N SER A 150 -3.34 0.24 -22.32
CA SER A 150 -2.72 -0.94 -22.94
C SER A 150 -3.67 -1.87 -23.72
N ASP A 151 -4.47 -2.66 -22.99
CA ASP A 151 -5.21 -3.76 -23.60
C ASP A 151 -6.73 -3.56 -23.62
N PHE A 152 -7.30 -3.55 -24.82
CA PHE A 152 -8.72 -3.32 -25.03
C PHE A 152 -9.61 -4.45 -24.51
N GLY A 153 -10.65 -4.08 -23.78
CA GLY A 153 -11.62 -5.04 -23.27
C GLY A 153 -12.95 -4.92 -23.99
N PRO A 168 -15.18 -7.34 -14.71
CA PRO A 168 -14.71 -6.75 -13.45
C PRO A 168 -15.81 -5.87 -12.86
N VAL A 169 -16.64 -6.44 -12.00
CA VAL A 169 -17.78 -5.74 -11.43
C VAL A 169 -17.51 -4.31 -10.97
N LYS A 170 -16.52 -4.12 -10.10
CA LYS A 170 -16.32 -2.84 -9.41
C LYS A 170 -16.13 -1.60 -10.30
N TRP A 171 -15.56 -1.79 -11.49
CA TRP A 171 -15.27 -0.68 -12.40
C TRP A 171 -16.41 -0.38 -13.37
N THR A 172 -17.16 -1.42 -13.74
CA THR A 172 -18.24 -1.28 -14.71
C THR A 172 -19.31 -0.30 -14.24
N ALA A 173 -20.01 0.34 -15.17
CA ALA A 173 -21.15 1.18 -14.81
C ALA A 173 -22.35 0.27 -14.56
N PRO A 174 -23.37 0.77 -13.84
CA PRO A 174 -24.53 -0.05 -13.49
C PRO A 174 -25.32 -0.57 -14.70
N GLU A 175 -25.76 0.35 -15.58
CA GLU A 175 -26.47 -0.02 -16.80
C GLU A 175 -25.74 -1.14 -17.56
N ALA A 176 -24.45 -0.93 -17.80
CA ALA A 176 -23.65 -1.87 -18.57
C ALA A 176 -23.65 -3.30 -18.04
N LEU A 177 -23.73 -3.45 -16.71
CA LEU A 177 -23.74 -4.78 -16.09
C LEU A 177 -25.06 -5.52 -16.30
N ARG A 178 -26.13 -4.76 -16.45
CA ARG A 178 -27.47 -5.30 -16.68
C ARG A 178 -27.64 -5.77 -18.12
N GLU A 179 -26.85 -5.21 -19.03
CA GLU A 179 -26.93 -5.58 -20.44
C GLU A 179 -25.60 -6.09 -20.99
N ALA A 180 -25.32 -5.78 -22.26
CA ALA A 180 -24.07 -6.20 -22.89
C ALA A 180 -23.46 -5.04 -23.65
N ALA A 181 -24.11 -3.87 -23.53
CA ALA A 181 -23.69 -2.70 -24.28
C ALA A 181 -22.93 -1.71 -23.42
N PHE A 182 -21.72 -1.40 -23.87
CA PHE A 182 -20.89 -0.42 -23.18
C PHE A 182 -20.72 0.81 -24.07
N SER A 183 -21.40 1.88 -23.67
CA SER A 183 -21.37 3.13 -24.42
C SER A 183 -20.11 3.94 -24.13
N THR A 184 -20.19 5.23 -24.41
CA THR A 184 -19.13 6.16 -24.04
C THR A 184 -19.45 6.73 -22.68
N LYS A 185 -20.69 6.54 -22.23
CA LYS A 185 -21.10 6.91 -20.88
C LYS A 185 -20.72 5.82 -19.87
N SER A 186 -20.57 4.58 -20.36
CA SER A 186 -20.09 3.49 -19.54
C SER A 186 -18.65 3.75 -19.14
N ASP A 187 -17.85 4.20 -20.11
CA ASP A 187 -16.44 4.47 -19.88
C ASP A 187 -16.23 5.69 -18.98
N VAL A 188 -17.09 6.69 -19.09
CA VAL A 188 -17.02 7.89 -18.24
C VAL A 188 -17.26 7.52 -16.78
N TRP A 189 -18.03 6.46 -16.55
CA TRP A 189 -18.23 5.95 -15.22
C TRP A 189 -16.96 5.24 -14.72
N SER A 190 -16.39 4.37 -15.55
CA SER A 190 -15.15 3.69 -15.21
C SER A 190 -14.01 4.67 -15.01
N PHE A 191 -14.11 5.85 -15.61
CA PHE A 191 -13.11 6.87 -15.41
C PHE A 191 -13.20 7.39 -13.98
N GLY A 192 -14.42 7.63 -13.52
CA GLY A 192 -14.67 8.02 -12.15
C GLY A 192 -13.99 7.09 -11.14
N ILE A 193 -14.21 5.78 -11.31
CA ILE A 193 -13.57 4.79 -10.46
C ILE A 193 -12.05 4.94 -10.53
N LEU A 194 -11.52 4.99 -11.74
CA LEU A 194 -10.08 5.08 -11.94
C LEU A 194 -9.44 6.37 -11.39
N LEU A 195 -10.25 7.42 -11.18
CA LEU A 195 -9.73 8.63 -10.58
C LEU A 195 -9.57 8.40 -9.11
N TRP A 196 -10.62 7.84 -8.51
CA TRP A 196 -10.59 7.51 -7.10
C TRP A 196 -9.42 6.57 -6.87
N GLU A 197 -9.28 5.58 -7.75
CA GLU A 197 -8.12 4.70 -7.68
C GLU A 197 -6.83 5.49 -7.49
N ILE A 198 -6.63 6.49 -8.34
CA ILE A 198 -5.42 7.32 -8.34
C ILE A 198 -5.21 8.13 -7.05
N TYR A 199 -6.23 8.87 -6.63
CA TYR A 199 -6.10 9.70 -5.44
C TYR A 199 -6.17 8.88 -4.14
N SER A 200 -6.24 7.57 -4.32
CA SER A 200 -6.21 6.62 -3.23
C SER A 200 -4.86 5.93 -3.25
N PHE A 201 -4.10 6.21 -4.30
CA PHE A 201 -2.78 5.62 -4.52
C PHE A 201 -2.85 4.12 -4.74
N GLY A 202 -4.00 3.67 -5.22
CA GLY A 202 -4.16 2.31 -5.67
C GLY A 202 -4.90 1.45 -4.67
N ARG A 203 -5.90 2.04 -4.00
CA ARG A 203 -6.75 1.25 -3.15
C ARG A 203 -7.72 0.49 -4.03
N VAL A 204 -8.21 -0.64 -3.53
CA VAL A 204 -9.30 -1.34 -4.18
C VAL A 204 -10.55 -0.53 -3.87
N PRO A 205 -11.39 -0.30 -4.89
CA PRO A 205 -12.55 0.59 -4.69
C PRO A 205 -13.64 -0.01 -3.80
N TYR A 206 -14.48 0.86 -3.24
CA TYR A 206 -15.56 0.45 -2.33
C TYR A 206 -14.97 -0.26 -1.11
N PRO A 207 -14.34 0.53 -0.25
CA PRO A 207 -13.42 0.06 0.79
C PRO A 207 -14.08 -0.76 1.92
N ARG A 208 -15.35 -0.48 2.23
CA ARG A 208 -15.99 -1.19 3.33
C ARG A 208 -17.35 -1.74 2.96
N ILE A 209 -17.45 -2.29 1.76
CA ILE A 209 -18.71 -2.81 1.25
C ILE A 209 -18.49 -4.15 0.55
N PRO A 210 -19.19 -5.18 1.03
CA PRO A 210 -19.12 -6.57 0.55
C PRO A 210 -19.43 -6.71 -0.94
N LEU A 211 -18.79 -7.68 -1.58
CA LEU A 211 -18.83 -7.89 -3.04
C LEU A 211 -20.21 -7.86 -3.72
N LYS A 212 -21.26 -8.31 -3.03
CA LYS A 212 -22.61 -8.21 -3.58
C LYS A 212 -23.50 -7.28 -2.78
N ASP A 213 -22.89 -6.23 -2.25
CA ASP A 213 -23.61 -5.05 -1.79
C ASP A 213 -23.21 -3.93 -2.75
N VAL A 214 -22.20 -4.20 -3.56
CA VAL A 214 -21.63 -3.19 -4.44
C VAL A 214 -22.64 -2.63 -5.43
N VAL A 215 -23.24 -3.49 -6.26
CA VAL A 215 -24.16 -3.00 -7.28
C VAL A 215 -25.48 -2.48 -6.70
N PRO A 216 -26.11 -3.25 -5.80
CA PRO A 216 -27.29 -2.71 -5.12
C PRO A 216 -27.03 -1.33 -4.51
N ARG A 217 -26.15 -1.25 -3.52
CA ARG A 217 -25.89 0.01 -2.81
C ARG A 217 -25.59 1.17 -3.76
N VAL A 218 -24.96 0.86 -4.90
CA VAL A 218 -24.60 1.87 -5.88
C VAL A 218 -25.83 2.35 -6.65
N GLU A 219 -26.61 1.39 -7.12
CA GLU A 219 -27.87 1.70 -7.79
C GLU A 219 -28.79 2.45 -6.84
N LYS A 220 -28.63 2.22 -5.54
CA LYS A 220 -29.38 2.95 -4.52
C LYS A 220 -28.86 4.38 -4.35
N GLY A 221 -27.99 4.80 -5.27
CA GLY A 221 -27.41 6.13 -5.21
C GLY A 221 -26.33 6.28 -4.15
N TYR A 222 -25.23 5.56 -4.32
CA TYR A 222 -24.09 5.70 -3.44
C TYR A 222 -22.83 6.01 -4.24
N LYS A 223 -21.98 6.85 -3.67
CA LYS A 223 -20.70 7.16 -4.25
C LYS A 223 -19.66 7.05 -3.14
N MET A 224 -18.46 6.62 -3.48
CA MET A 224 -17.38 6.52 -2.51
C MET A 224 -17.02 7.89 -1.95
N ASP A 225 -16.49 7.90 -0.73
CA ASP A 225 -16.04 9.14 -0.10
C ASP A 225 -14.81 9.68 -0.83
N ALA A 226 -14.52 10.97 -0.66
CA ALA A 226 -13.37 11.58 -1.31
C ALA A 226 -12.07 10.97 -0.81
N PRO A 227 -11.26 10.42 -1.74
CA PRO A 227 -9.95 9.87 -1.38
C PRO A 227 -9.22 10.81 -0.42
N ASP A 228 -8.34 10.29 0.42
CA ASP A 228 -7.68 11.14 1.41
C ASP A 228 -6.82 12.21 0.78
N GLY A 229 -6.73 13.35 1.44
CA GLY A 229 -6.03 14.50 0.89
C GLY A 229 -6.38 14.68 -0.58
N CYS A 230 -7.67 14.58 -0.89
CA CYS A 230 -8.11 14.82 -2.26
C CYS A 230 -8.62 16.23 -2.40
N PRO A 231 -8.09 16.97 -3.39
CA PRO A 231 -8.54 18.32 -3.74
C PRO A 231 -10.01 18.30 -4.13
N PRO A 232 -10.82 19.17 -3.49
CA PRO A 232 -12.26 19.17 -3.71
C PRO A 232 -12.58 19.20 -5.20
N ALA A 233 -11.84 20.02 -5.93
CA ALA A 233 -12.06 20.18 -7.36
C ALA A 233 -12.09 18.83 -8.08
N VAL A 234 -11.19 17.94 -7.68
CA VAL A 234 -11.07 16.63 -8.30
C VAL A 234 -12.24 15.71 -7.91
N TYR A 235 -12.62 15.72 -6.64
CA TYR A 235 -13.66 14.82 -6.14
C TYR A 235 -15.03 15.03 -6.83
N GLU A 236 -15.31 16.28 -7.23
CA GLU A 236 -16.46 16.64 -8.08
C GLU A 236 -16.39 16.04 -9.49
N VAL A 237 -15.21 16.09 -10.10
CA VAL A 237 -15.03 15.43 -11.37
C VAL A 237 -15.52 14.00 -11.24
N MET A 238 -15.07 13.33 -10.18
CA MET A 238 -15.48 11.96 -9.86
C MET A 238 -16.99 11.82 -9.70
N LYS A 239 -17.56 12.53 -8.74
CA LYS A 239 -19.01 12.47 -8.49
C LYS A 239 -19.75 12.73 -9.78
N ASN A 240 -19.18 13.63 -10.57
CA ASN A 240 -19.72 13.98 -11.88
C ASN A 240 -19.84 12.76 -12.78
N CYS A 241 -18.78 11.96 -12.84
CA CYS A 241 -18.76 10.79 -13.71
C CYS A 241 -19.66 9.68 -13.20
N TRP A 242 -20.17 9.84 -11.98
CA TRP A 242 -20.96 8.80 -11.35
C TRP A 242 -22.43 9.15 -11.29
N HIS A 243 -22.89 9.94 -12.26
CA HIS A 243 -24.30 10.31 -12.30
C HIS A 243 -25.14 9.11 -12.67
N LEU A 244 -26.29 9.00 -12.01
CA LEU A 244 -27.17 7.86 -12.17
C LEU A 244 -27.64 7.78 -13.62
N ASP A 245 -27.93 8.95 -14.19
CA ASP A 245 -28.31 9.06 -15.60
C ASP A 245 -27.08 9.20 -16.48
N ALA A 246 -26.79 8.16 -17.25
CA ALA A 246 -25.63 8.18 -18.15
C ALA A 246 -25.59 9.43 -19.04
N ALA A 247 -26.74 10.04 -19.30
CA ALA A 247 -26.84 11.19 -20.19
C ALA A 247 -26.37 12.46 -19.50
N MET A 248 -26.43 12.46 -18.17
CA MET A 248 -26.04 13.61 -17.33
C MET A 248 -24.59 13.58 -16.80
N ARG A 249 -23.86 12.49 -17.07
CA ARG A 249 -22.41 12.46 -16.86
C ARG A 249 -21.73 13.12 -18.06
N PRO A 250 -20.62 13.82 -17.79
CA PRO A 250 -19.85 14.55 -18.80
C PRO A 250 -19.29 13.64 -19.88
N SER A 251 -18.60 14.27 -20.83
CA SER A 251 -17.89 13.54 -21.87
C SER A 251 -16.37 13.72 -21.68
N PHE A 252 -15.58 12.84 -22.31
CA PHE A 252 -14.13 12.93 -22.24
C PHE A 252 -13.63 14.24 -22.84
N LEU A 253 -14.58 15.07 -23.27
CA LEU A 253 -14.25 16.43 -23.71
C LEU A 253 -14.51 17.41 -22.57
N GLN A 254 -15.73 17.41 -22.03
CA GLN A 254 -16.05 18.27 -20.90
C GLN A 254 -15.12 18.01 -19.71
N LEU A 255 -14.69 16.76 -19.58
CA LEU A 255 -13.78 16.34 -18.51
C LEU A 255 -12.43 17.05 -18.63
N ARG A 256 -11.78 16.92 -19.78
CA ARG A 256 -10.50 17.58 -20.01
C ARG A 256 -10.62 19.08 -19.79
N GLU A 257 -11.81 19.62 -20.08
CA GLU A 257 -12.09 21.04 -19.84
C GLU A 257 -11.98 21.33 -18.35
N GLN A 258 -12.65 20.50 -17.55
CA GLN A 258 -12.67 20.63 -16.09
C GLN A 258 -11.29 20.35 -15.48
N LEU A 259 -10.56 19.41 -16.09
CA LEU A 259 -9.23 19.06 -15.60
C LEU A 259 -8.25 20.20 -15.84
N GLU A 260 -8.31 20.81 -17.03
CA GLU A 260 -7.43 21.92 -17.34
C GLU A 260 -7.79 23.11 -16.45
N HIS A 261 -9.09 23.41 -16.39
CA HIS A 261 -9.58 24.46 -15.50
C HIS A 261 -8.88 24.32 -14.15
N ILE A 262 -9.14 23.20 -13.47
CA ILE A 262 -8.47 22.83 -12.22
C ILE A 262 -6.95 23.00 -12.29
N LYS A 263 -6.32 22.33 -13.25
CA LYS A 263 -4.89 22.42 -13.50
C LYS A 263 -4.43 23.87 -13.60
N THR A 264 -4.91 24.54 -14.64
CA THR A 264 -4.49 25.90 -14.95
C THR A 264 -4.75 26.85 -13.80
N HIS A 265 -5.96 26.79 -13.26
CA HIS A 265 -6.31 27.57 -12.09
C HIS A 265 -5.76 26.91 -10.81
N GLU A 266 -4.65 26.18 -10.93
CA GLU A 266 -3.96 25.50 -9.82
C GLU A 266 -4.88 25.08 -8.66
N LEU A 267 -5.83 24.19 -8.96
CA LEU A 267 -6.81 23.74 -7.98
C LEU A 267 -6.48 22.35 -7.45
N HIS A 268 -5.23 21.92 -7.70
CA HIS A 268 -4.74 20.63 -7.23
C HIS A 268 -3.59 20.83 -6.26
N LEU A 269 -2.98 22.00 -6.32
CA LEU A 269 -1.84 22.34 -5.47
C LEU A 269 -2.31 23.16 -4.29
N ASP B 11 8.84 23.69 31.29
CA ASP B 11 8.46 22.80 30.20
C ASP B 11 6.99 22.90 29.83
N ALA B 12 6.12 22.67 30.80
CA ALA B 12 4.65 22.66 30.65
C ALA B 12 4.08 21.26 30.44
N TRP B 13 4.89 20.35 29.91
CA TRP B 13 4.56 18.93 29.99
C TRP B 13 4.83 18.42 31.42
N GLU B 14 5.29 19.32 32.28
CA GLU B 14 5.68 18.96 33.64
C GLU B 14 4.48 18.84 34.56
N ILE B 15 4.61 18.01 35.59
CA ILE B 15 3.62 17.89 36.67
C ILE B 15 4.29 17.65 38.03
N PRO B 16 3.52 17.87 39.10
CA PRO B 16 3.97 17.54 40.46
C PRO B 16 3.76 16.07 40.79
N ARG B 17 4.69 15.50 41.54
CA ARG B 17 4.63 14.13 42.01
C ARG B 17 3.32 13.75 42.66
N GLU B 18 2.52 14.72 43.09
CA GLU B 18 1.30 14.35 43.82
C GLU B 18 0.20 13.93 42.89
N SER B 19 0.15 14.54 41.70
CA SER B 19 -0.76 14.12 40.66
C SER B 19 -0.78 12.59 40.58
N LEU B 20 0.37 12.01 40.88
CA LEU B 20 0.63 10.60 40.60
C LEU B 20 0.54 9.70 41.82
N ARG B 21 -0.05 8.54 41.62
CA ARG B 21 -0.03 7.47 42.61
C ARG B 21 0.48 6.23 41.88
N LEU B 22 1.57 5.66 42.36
CA LEU B 22 2.11 4.43 41.77
C LEU B 22 1.52 3.19 42.42
N GLU B 23 0.80 2.40 41.62
CA GLU B 23 -0.02 1.34 42.17
C GLU B 23 0.49 -0.09 41.95
N VAL B 24 0.59 -0.52 40.69
CA VAL B 24 1.12 -1.87 40.40
C VAL B 24 2.31 -1.80 39.43
N LYS B 25 3.40 -2.44 39.81
CA LYS B 25 4.60 -2.51 38.98
C LYS B 25 4.38 -3.47 37.80
N LEU B 26 4.81 -3.05 36.61
CA LEU B 26 4.49 -3.79 35.38
C LEU B 26 5.71 -4.48 34.76
N GLY B 27 6.87 -3.85 34.90
CA GLY B 27 8.09 -4.41 34.35
C GLY B 27 9.36 -3.65 34.69
N GLN B 28 10.48 -4.21 34.26
CA GLN B 28 11.81 -3.72 34.66
C GLN B 28 12.72 -3.41 33.49
N GLY B 29 14.01 -3.36 33.79
CA GLY B 29 15.00 -2.98 32.81
C GLY B 29 16.14 -2.25 33.47
N CYS B 30 17.19 -2.03 32.70
CA CYS B 30 18.36 -1.35 33.20
C CYS B 30 18.04 0.06 33.67
N PHE B 31 17.13 0.71 32.97
CA PHE B 31 16.80 2.11 33.22
C PHE B 31 16.03 2.38 34.50
N GLY B 32 15.29 1.37 34.96
CA GLY B 32 14.39 1.56 36.08
C GLY B 32 13.16 0.65 36.03
N GLU B 33 11.99 1.26 36.12
CA GLU B 33 10.76 0.50 36.23
C GLU B 33 9.55 1.12 35.53
N VAL B 34 8.51 0.31 35.39
CA VAL B 34 7.25 0.81 34.85
C VAL B 34 6.12 0.41 35.78
N TRP B 35 5.27 1.38 36.08
CA TRP B 35 4.21 1.19 37.04
C TRP B 35 2.88 1.58 36.43
N MET B 36 1.84 0.87 36.80
CA MET B 36 0.52 1.39 36.56
C MET B 36 0.19 2.29 37.74
N GLY B 37 -0.41 3.43 37.48
CA GLY B 37 -0.74 4.37 38.53
C GLY B 37 -1.99 5.18 38.24
N THR B 38 -2.36 6.06 39.16
CA THR B 38 -3.45 6.97 38.86
C THR B 38 -2.93 8.38 38.78
N TRP B 39 -3.42 9.12 37.78
CA TRP B 39 -3.01 10.49 37.57
C TRP B 39 -4.18 11.45 37.82
N ASN B 40 -4.06 12.22 38.91
CA ASN B 40 -5.13 13.07 39.42
C ASN B 40 -6.27 12.23 39.98
N GLY B 41 -5.93 11.11 40.62
CA GLY B 41 -6.94 10.18 41.10
C GLY B 41 -8.01 9.73 40.09
N THR B 42 -7.88 10.14 38.83
CA THR B 42 -8.92 9.83 37.85
C THR B 42 -8.48 9.02 36.63
N THR B 43 -7.18 8.94 36.38
CA THR B 43 -6.71 8.35 35.14
C THR B 43 -5.68 7.25 35.33
N ARG B 44 -5.90 6.11 34.69
CA ARG B 44 -4.88 5.08 34.68
C ARG B 44 -3.83 5.52 33.71
N VAL B 45 -2.59 5.40 34.15
CA VAL B 45 -1.45 5.77 33.34
C VAL B 45 -0.37 4.73 33.53
N ALA B 46 0.61 4.72 32.65
CA ALA B 46 1.81 3.95 32.90
C ALA B 46 2.91 4.95 33.19
N ILE B 47 3.70 4.67 34.22
CA ILE B 47 4.77 5.56 34.64
C ILE B 47 6.14 4.92 34.44
N LYS B 48 6.96 5.53 33.58
CA LYS B 48 8.31 5.04 33.33
C LYS B 48 9.30 5.76 34.25
N THR B 49 10.19 5.00 34.90
CA THR B 49 11.00 5.56 35.99
C THR B 49 12.52 5.44 35.83
N LEU B 50 13.21 6.55 36.08
CA LEU B 50 14.66 6.55 36.05
C LEU B 50 15.26 6.06 37.37
N LYS B 51 15.97 4.94 37.31
CA LYS B 51 16.76 4.48 38.44
C LYS B 51 18.02 5.30 38.45
N PRO B 52 18.20 6.13 39.50
CA PRO B 52 19.26 7.14 39.56
C PRO B 52 20.63 6.54 39.33
N GLY B 53 21.43 7.20 38.49
CA GLY B 53 22.78 6.72 38.18
C GLY B 53 22.90 5.77 37.00
N THR B 54 21.79 5.16 36.59
CA THR B 54 21.80 4.29 35.41
C THR B 54 22.04 5.11 34.14
N MET B 55 21.03 5.83 33.67
CA MET B 55 21.29 6.78 32.60
C MET B 55 21.03 8.20 33.10
N SER B 56 21.33 9.18 32.27
CA SER B 56 21.17 10.58 32.67
C SER B 56 19.76 11.08 32.43
N PRO B 57 19.26 11.94 33.33
CA PRO B 57 17.95 12.54 33.17
C PRO B 57 17.70 13.02 31.74
N GLU B 58 18.74 13.51 31.06
CA GLU B 58 18.58 13.99 29.70
C GLU B 58 18.36 12.85 28.74
N ALA B 59 19.28 11.88 28.76
CA ALA B 59 19.20 10.74 27.86
C ALA B 59 17.86 10.03 28.06
N PHE B 60 17.43 9.97 29.32
CA PHE B 60 16.12 9.45 29.67
C PHE B 60 15.03 10.31 29.03
N LEU B 61 14.78 11.49 29.61
CA LEU B 61 13.74 12.39 29.13
C LEU B 61 13.82 12.76 27.63
N GLN B 62 14.87 12.31 26.96
CA GLN B 62 14.98 12.53 25.54
C GLN B 62 14.06 11.53 24.84
N GLU B 63 13.87 10.39 25.50
CA GLU B 63 13.10 9.29 24.94
C GLU B 63 11.64 9.69 24.75
N ALA B 64 11.23 10.73 25.46
CA ALA B 64 9.87 11.24 25.36
C ALA B 64 9.77 12.51 24.54
N GLN B 65 10.89 12.99 24.01
CA GLN B 65 10.88 14.25 23.28
C GLN B 65 9.98 14.13 22.08
N VAL B 66 10.31 13.15 21.24
CA VAL B 66 9.62 12.96 19.97
C VAL B 66 8.12 12.93 20.18
N MET B 67 7.69 12.35 21.29
CA MET B 67 6.27 12.14 21.48
C MET B 67 5.50 13.38 21.93
N LYS B 68 6.21 14.50 22.08
CA LYS B 68 5.55 15.78 22.36
C LYS B 68 4.99 16.32 21.06
N LYS B 69 5.66 16.01 19.95
CA LYS B 69 5.24 16.48 18.63
C LYS B 69 4.18 15.57 18.01
N LEU B 70 4.47 14.28 17.98
CA LEU B 70 3.55 13.31 17.39
C LEU B 70 2.30 13.07 18.24
N ARG B 71 1.19 12.80 17.56
CA ARG B 71 -0.06 12.42 18.20
C ARG B 71 -0.94 11.66 17.21
N HIS B 72 -1.36 10.47 17.60
CA HIS B 72 -2.12 9.59 16.73
C HIS B 72 -2.78 8.46 17.52
N GLU B 73 -3.99 8.12 17.11
CA GLU B 73 -4.82 7.14 17.80
C GLU B 73 -4.06 5.83 18.05
N LYS B 74 -3.26 5.43 17.06
CA LYS B 74 -2.54 4.17 17.10
C LYS B 74 -1.09 4.36 17.54
N LEU B 75 -0.78 5.51 18.12
CA LEU B 75 0.48 5.70 18.83
C LEU B 75 0.23 5.83 20.31
N VAL B 76 0.96 5.05 21.10
CA VAL B 76 0.90 5.18 22.55
C VAL B 76 1.27 6.61 22.92
N GLN B 77 0.34 7.35 23.52
CA GLN B 77 0.55 8.77 23.70
C GLN B 77 1.26 9.14 24.99
N LEU B 78 1.82 10.35 24.99
CA LEU B 78 2.55 10.91 26.12
C LEU B 78 1.63 11.86 26.88
N TYR B 79 1.58 11.69 28.19
CA TYR B 79 0.77 12.56 29.03
C TYR B 79 1.58 13.65 29.73
N ALA B 80 2.67 13.27 30.38
CA ALA B 80 3.39 14.23 31.21
C ALA B 80 4.73 13.69 31.69
N VAL B 81 5.60 14.59 32.11
CA VAL B 81 6.88 14.21 32.68
C VAL B 81 7.08 14.80 34.08
N VAL B 82 8.06 14.25 34.78
CA VAL B 82 8.49 14.74 36.06
C VAL B 82 10.01 14.73 36.02
N SER B 83 10.58 15.92 35.88
CA SER B 83 12.00 16.08 35.56
C SER B 83 12.92 16.03 36.76
N GLU B 84 12.35 15.88 37.95
CA GLU B 84 13.12 15.94 39.19
C GLU B 84 13.86 14.66 39.54
N GLU B 85 14.17 14.52 40.83
CA GLU B 85 15.24 13.63 41.28
C GLU B 85 14.91 12.15 41.18
N PRO B 86 13.63 11.81 41.37
CA PRO B 86 13.09 10.55 40.82
C PRO B 86 12.36 10.84 39.50
N ILE B 87 13.06 10.75 38.37
CA ILE B 87 12.49 11.16 37.09
C ILE B 87 11.42 10.20 36.53
N TYR B 88 10.38 10.77 35.91
CA TYR B 88 9.23 10.01 35.45
C TYR B 88 8.78 10.41 34.06
N ILE B 89 8.50 9.44 33.22
CA ILE B 89 7.71 9.69 32.01
C ILE B 89 6.33 9.05 32.19
N VAL B 90 5.28 9.74 31.77
CA VAL B 90 3.93 9.31 32.05
C VAL B 90 3.20 9.18 30.75
N THR B 91 2.55 8.02 30.57
CA THR B 91 2.10 7.55 29.27
C THR B 91 0.72 6.90 29.38
N GLU B 92 0.10 6.58 28.25
CA GLU B 92 -1.16 5.88 28.32
C GLU B 92 -0.95 4.42 28.67
N TYR B 93 -1.98 3.85 29.29
CA TYR B 93 -1.88 2.50 29.83
C TYR B 93 -2.39 1.46 28.85
N MET B 94 -1.48 0.60 28.39
CA MET B 94 -1.80 -0.50 27.50
C MET B 94 -1.90 -1.80 28.32
N SER B 95 -3.06 -2.00 28.93
CA SER B 95 -3.27 -3.06 29.94
C SER B 95 -2.78 -4.49 29.66
N LYS B 96 -2.55 -4.83 28.40
CA LYS B 96 -2.16 -6.19 28.07
C LYS B 96 -0.66 -6.37 27.88
N GLY B 97 0.10 -5.28 28.00
CA GLY B 97 1.55 -5.37 27.83
C GLY B 97 2.02 -5.49 26.39
N SER B 98 3.17 -6.13 26.17
CA SER B 98 3.72 -6.22 24.83
C SER B 98 3.05 -7.28 23.92
N LEU B 99 3.02 -6.99 22.63
CA LEU B 99 2.35 -7.82 21.63
C LEU B 99 2.92 -9.24 21.64
N LEU B 100 4.25 -9.33 21.68
CA LEU B 100 4.95 -10.60 21.59
C LEU B 100 4.59 -11.52 22.73
N ASP B 101 4.72 -11.01 23.96
CA ASP B 101 4.34 -11.76 25.16
C ASP B 101 2.93 -12.28 24.99
N PHE B 102 2.05 -11.39 24.54
CA PHE B 102 0.64 -11.69 24.36
C PHE B 102 0.39 -12.82 23.39
N LEU B 103 1.04 -12.76 22.22
CA LEU B 103 0.96 -13.78 21.18
C LEU B 103 1.27 -15.17 21.73
N LYS B 104 2.19 -15.21 22.68
CA LYS B 104 2.67 -16.49 23.21
C LYS B 104 1.77 -17.06 24.33
N GLY B 105 0.91 -16.21 24.88
CA GLY B 105 0.12 -16.57 26.04
C GLY B 105 -1.14 -17.37 25.79
N GLU B 106 -1.85 -17.63 26.88
CA GLU B 106 -3.16 -18.28 26.85
C GLU B 106 -4.05 -17.69 25.74
N MET B 107 -4.19 -16.36 25.73
CA MET B 107 -5.07 -15.69 24.77
C MET B 107 -4.45 -15.63 23.37
N GLY B 108 -3.13 -15.63 23.31
CA GLY B 108 -2.41 -15.64 22.05
C GLY B 108 -2.82 -16.84 21.21
N LYS B 109 -2.99 -17.98 21.85
CA LYS B 109 -3.27 -19.19 21.08
C LYS B 109 -4.70 -19.27 20.53
N TYR B 110 -5.63 -18.51 21.10
CA TYR B 110 -7.02 -18.54 20.64
C TYR B 110 -7.29 -17.57 19.50
N LEU B 111 -6.27 -16.82 19.11
CA LEU B 111 -6.47 -15.77 18.10
C LEU B 111 -6.63 -16.36 16.70
N ARG B 112 -7.71 -15.98 16.04
CA ARG B 112 -7.93 -16.43 14.68
C ARG B 112 -7.58 -15.35 13.65
N LEU B 113 -7.39 -15.76 12.41
CA LEU B 113 -6.87 -14.87 11.36
C LEU B 113 -7.49 -13.47 11.29
N PRO B 114 -8.83 -13.37 11.22
CA PRO B 114 -9.37 -12.01 11.12
C PRO B 114 -8.86 -11.04 12.18
N GLN B 115 -8.75 -11.48 13.43
CA GLN B 115 -8.23 -10.63 14.52
C GLN B 115 -6.77 -10.30 14.25
N LEU B 116 -5.97 -11.35 14.05
CA LEU B 116 -4.58 -11.17 13.64
C LEU B 116 -4.39 -10.15 12.50
N VAL B 117 -5.20 -10.25 11.45
CA VAL B 117 -5.12 -9.32 10.34
C VAL B 117 -5.45 -7.89 10.80
N ASP B 118 -6.55 -7.76 11.51
CA ASP B 118 -6.98 -6.46 12.00
C ASP B 118 -5.96 -5.84 12.94
N MET B 119 -5.24 -6.69 13.67
CA MET B 119 -4.20 -6.18 14.57
C MET B 119 -3.11 -5.50 13.73
N ALA B 120 -2.59 -6.25 12.75
CA ALA B 120 -1.70 -5.73 11.71
C ALA B 120 -2.23 -4.43 11.11
N ALA B 121 -3.53 -4.39 10.83
CA ALA B 121 -4.08 -3.20 10.20
C ALA B 121 -3.82 -2.00 11.08
N GLN B 122 -3.94 -2.21 12.38
CA GLN B 122 -3.90 -1.15 13.38
C GLN B 122 -2.49 -0.64 13.56
N ILE B 123 -1.55 -1.57 13.58
CA ILE B 123 -0.15 -1.22 13.60
C ILE B 123 0.23 -0.46 12.33
N ALA B 124 -0.25 -0.97 11.20
CA ALA B 124 -0.03 -0.36 9.89
C ALA B 124 -0.58 1.05 9.87
N SER B 125 -1.73 1.23 10.53
CA SER B 125 -2.40 2.52 10.61
C SER B 125 -1.51 3.55 11.30
N GLY B 126 -0.79 3.10 12.32
CA GLY B 126 0.05 3.99 13.08
C GLY B 126 1.31 4.29 12.30
N MET B 127 1.90 3.24 11.76
CA MET B 127 3.10 3.34 10.95
C MET B 127 2.86 4.24 9.76
N ALA B 128 1.63 4.22 9.26
CA ALA B 128 1.27 5.03 8.11
C ALA B 128 1.38 6.51 8.49
N TYR B 129 0.83 6.86 9.64
CA TYR B 129 0.98 8.19 10.22
C TYR B 129 2.43 8.64 10.40
N VAL B 130 3.25 7.73 10.93
CA VAL B 130 4.68 7.98 11.08
C VAL B 130 5.27 8.33 9.73
N GLU B 131 4.81 7.61 8.71
CA GLU B 131 5.19 7.81 7.33
C GLU B 131 4.86 9.22 6.80
N ARG B 132 3.60 9.62 6.92
CA ARG B 132 3.19 10.97 6.54
C ARG B 132 4.12 12.01 7.15
N MET B 133 4.55 11.76 8.40
CA MET B 133 5.26 12.74 9.21
C MET B 133 6.77 12.81 8.97
N ASN B 134 7.30 11.94 8.12
CA ASN B 134 8.73 11.85 7.84
C ASN B 134 9.56 11.39 9.03
N TYR B 135 9.04 10.43 9.77
CA TYR B 135 9.85 9.79 10.79
C TYR B 135 10.22 8.36 10.42
N VAL B 136 11.07 7.77 11.25
CA VAL B 136 11.52 6.40 11.08
C VAL B 136 11.48 5.73 12.47
N HIS B 137 10.89 4.54 12.53
CA HIS B 137 10.69 3.85 13.80
C HIS B 137 11.97 3.12 14.23
N ARG B 138 12.62 2.46 13.27
CA ARG B 138 13.93 1.83 13.47
C ARG B 138 13.97 0.47 14.15
N ASP B 139 13.09 0.24 15.13
CA ASP B 139 13.04 -1.06 15.80
C ASP B 139 11.63 -1.66 15.87
N LEU B 140 11.16 -2.18 14.73
CA LEU B 140 9.79 -2.68 14.62
C LEU B 140 9.72 -4.19 14.80
N ARG B 141 9.00 -4.61 15.84
CA ARG B 141 8.76 -6.03 16.16
C ARG B 141 7.76 -6.13 17.30
N ALA B 142 7.06 -7.26 17.38
CA ALA B 142 5.91 -7.39 18.28
C ALA B 142 6.29 -6.99 19.70
N ALA B 143 7.56 -7.24 20.03
CA ALA B 143 8.14 -6.84 21.29
C ALA B 143 7.94 -5.34 21.57
N ASN B 144 7.99 -4.52 20.53
CA ASN B 144 7.91 -3.06 20.72
C ASN B 144 6.54 -2.50 20.37
N ILE B 145 5.54 -3.38 20.41
CA ILE B 145 4.16 -3.00 20.13
C ILE B 145 3.35 -3.24 21.38
N LEU B 146 2.50 -2.30 21.74
CA LEU B 146 1.70 -2.50 22.94
C LEU B 146 0.24 -2.81 22.63
N VAL B 147 -0.35 -3.61 23.51
CA VAL B 147 -1.71 -4.07 23.34
C VAL B 147 -2.58 -3.56 24.47
N GLY B 148 -3.77 -3.08 24.14
CA GLY B 148 -4.70 -2.66 25.16
C GLY B 148 -5.84 -3.63 25.27
N GLU B 149 -6.92 -3.18 25.89
CA GLU B 149 -8.12 -4.01 25.97
C GLU B 149 -8.76 -4.06 24.57
N ASN B 150 -9.37 -5.21 24.26
CA ASN B 150 -10.06 -5.40 22.98
C ASN B 150 -9.09 -5.40 21.81
N LEU B 151 -7.98 -6.09 21.97
CA LEU B 151 -7.01 -6.25 20.89
C LEU B 151 -6.42 -4.98 20.26
N VAL B 152 -6.70 -3.81 20.82
CA VAL B 152 -6.12 -2.58 20.33
C VAL B 152 -4.59 -2.58 20.41
N CYS B 153 -3.92 -2.42 19.28
CA CYS B 153 -2.46 -2.39 19.21
C CYS B 153 -1.87 -1.01 18.85
N LYS B 154 -0.84 -0.57 19.59
CA LYS B 154 -0.15 0.69 19.27
C LYS B 154 1.38 0.60 19.24
N VAL B 155 1.99 1.63 18.67
CA VAL B 155 3.45 1.79 18.55
C VAL B 155 3.97 2.61 19.74
N ALA B 156 5.27 2.52 20.10
CA ALA B 156 5.70 3.12 21.38
C ALA B 156 7.02 3.93 21.53
N ASP B 157 7.47 4.04 22.78
CA ASP B 157 8.61 4.85 23.29
C ASP B 157 10.00 4.21 23.08
N PHE B 158 10.18 3.62 21.89
CA PHE B 158 11.46 3.04 21.45
C PHE B 158 11.72 3.32 19.97
N GLY B 159 12.69 4.20 19.70
CA GLY B 159 13.32 4.26 18.38
C GLY B 159 13.31 5.49 17.48
N LEU B 160 12.21 6.23 17.45
CA LEU B 160 11.93 7.09 16.28
C LEU B 160 12.61 8.45 16.14
N ALA B 161 13.58 8.52 15.22
CA ALA B 161 14.13 9.78 14.71
C ALA B 161 13.32 10.22 13.50
N ARG B 162 13.60 11.41 12.96
CA ARG B 162 13.00 11.79 11.68
C ARG B 162 14.00 11.68 10.54
N LEU B 163 13.53 11.22 9.39
CA LEU B 163 14.37 10.91 8.23
C LEU B 163 14.94 12.15 7.56
N ILE B 164 14.80 13.27 8.25
CA ILE B 164 15.42 14.54 7.87
C ILE B 164 16.93 14.43 8.08
N LYS B 176 20.70 0.07 18.03
CA LYS B 176 21.04 -1.34 18.11
C LYS B 176 19.95 -2.21 17.47
N PHE B 177 20.23 -2.67 16.26
CA PHE B 177 19.25 -3.47 15.51
C PHE B 177 19.28 -4.95 15.85
N PRO B 178 18.08 -5.58 15.90
CA PRO B 178 17.93 -7.04 15.90
C PRO B 178 18.01 -7.50 14.45
N ILE B 179 19.09 -8.20 14.09
CA ILE B 179 19.36 -8.54 12.71
C ILE B 179 18.14 -9.04 11.95
N LYS B 180 17.49 -10.06 12.49
CA LYS B 180 16.38 -10.74 11.81
C LYS B 180 15.26 -9.82 11.32
N TRP B 181 15.07 -8.69 12.00
CA TRP B 181 14.00 -7.75 11.67
C TRP B 181 14.49 -6.61 10.78
N THR B 182 15.79 -6.56 10.57
CA THR B 182 16.41 -5.40 9.94
C THR B 182 16.66 -5.59 8.45
N ALA B 183 16.15 -4.67 7.65
CA ALA B 183 16.34 -4.72 6.20
C ALA B 183 17.82 -4.66 5.85
N PRO B 184 18.23 -5.49 4.88
CA PRO B 184 19.63 -5.61 4.46
C PRO B 184 20.37 -4.28 4.28
N GLU B 185 19.74 -3.29 3.64
CA GLU B 185 20.43 -2.02 3.39
C GLU B 185 20.67 -1.21 4.67
N ALA B 186 19.79 -1.36 5.66
CA ALA B 186 19.99 -0.70 6.95
C ALA B 186 21.02 -1.47 7.78
N ALA B 187 20.94 -2.79 7.72
CA ALA B 187 21.87 -3.63 8.47
C ALA B 187 23.27 -3.49 7.91
N LEU B 188 23.38 -3.16 6.63
CA LEU B 188 24.68 -3.12 5.97
C LEU B 188 25.26 -1.71 5.85
N TYR B 189 24.39 -0.72 5.78
CA TYR B 189 24.84 0.63 5.47
C TYR B 189 24.27 1.67 6.42
N GLY B 190 23.43 1.22 7.34
CA GLY B 190 22.77 2.12 8.25
C GLY B 190 21.76 2.95 7.49
N ARG B 191 21.28 2.40 6.37
CA ARG B 191 20.33 3.11 5.54
C ARG B 191 18.91 2.99 6.09
N PHE B 192 18.77 3.24 7.38
CA PHE B 192 17.48 3.23 8.05
C PHE B 192 16.54 4.26 7.43
N THR B 193 15.55 3.77 6.69
CA THR B 193 14.55 4.60 6.05
C THR B 193 13.18 4.07 6.47
N ILE B 194 12.11 4.64 5.93
CA ILE B 194 10.77 4.15 6.23
C ILE B 194 10.54 2.83 5.51
N LYS B 195 11.23 2.65 4.39
CA LYS B 195 11.17 1.41 3.64
C LYS B 195 11.83 0.29 4.43
N SER B 196 12.83 0.68 5.21
CA SER B 196 13.49 -0.24 6.13
C SER B 196 12.46 -0.74 7.15
N ASP B 197 11.55 0.15 7.53
CA ASP B 197 10.52 -0.15 8.52
C ASP B 197 9.47 -1.08 7.93
N VAL B 198 9.21 -0.88 6.64
CA VAL B 198 8.26 -1.72 5.94
C VAL B 198 8.81 -3.12 5.94
N TRP B 199 10.11 -3.25 5.68
CA TRP B 199 10.71 -4.56 5.72
C TRP B 199 10.49 -5.23 7.07
N SER B 200 10.67 -4.48 8.14
CA SER B 200 10.47 -4.99 9.48
C SER B 200 9.02 -5.37 9.69
N PHE B 201 8.14 -4.52 9.20
CA PHE B 201 6.72 -4.83 9.25
C PHE B 201 6.45 -6.18 8.59
N GLY B 202 7.26 -6.50 7.59
CA GLY B 202 7.15 -7.79 6.92
C GLY B 202 7.42 -8.94 7.88
N ILE B 203 8.57 -8.88 8.55
CA ILE B 203 8.92 -9.84 9.60
C ILE B 203 7.91 -9.82 10.76
N LEU B 204 7.50 -8.62 11.13
CA LEU B 204 6.45 -8.49 12.13
C LEU B 204 5.26 -9.38 11.75
N LEU B 205 4.84 -9.32 10.48
CA LEU B 205 3.70 -10.13 10.03
C LEU B 205 3.88 -11.61 10.35
N THR B 206 5.09 -12.11 10.12
CA THR B 206 5.39 -13.50 10.47
C THR B 206 5.12 -13.80 11.97
N GLU B 207 5.62 -12.94 12.86
CA GLU B 207 5.35 -13.13 14.29
C GLU B 207 3.85 -13.24 14.55
N LEU B 208 3.08 -12.33 13.96
CA LEU B 208 1.64 -12.35 14.12
C LEU B 208 1.03 -13.71 13.76
N THR B 209 1.48 -14.30 12.66
CA THR B 209 0.80 -15.47 12.10
C THR B 209 1.40 -16.81 12.57
N THR B 210 2.44 -16.72 13.39
CA THR B 210 3.04 -17.92 13.95
C THR B 210 3.00 -17.88 15.47
N LYS B 211 2.08 -17.11 16.02
CA LYS B 211 1.89 -17.09 17.47
C LYS B 211 3.16 -16.61 18.20
N GLY B 212 4.00 -15.88 17.48
CA GLY B 212 5.14 -15.22 18.07
C GLY B 212 6.50 -15.90 17.93
N ARG B 213 6.61 -16.91 17.06
CA ARG B 213 7.88 -17.64 16.95
C ARG B 213 9.01 -16.73 16.46
N VAL B 214 10.25 -17.16 16.67
CA VAL B 214 11.38 -16.37 16.21
C VAL B 214 11.52 -16.56 14.72
N PRO B 215 11.49 -15.45 13.95
CA PRO B 215 11.61 -15.51 12.49
C PRO B 215 12.91 -16.21 12.10
N TYR B 216 12.93 -16.83 10.93
CA TYR B 216 14.12 -17.56 10.51
C TYR B 216 14.49 -18.61 11.55
N PRO B 217 13.56 -19.51 11.89
CA PRO B 217 13.90 -20.54 12.87
C PRO B 217 15.01 -21.41 12.34
N GLY B 218 15.85 -21.93 13.22
CA GLY B 218 16.96 -22.78 12.81
C GLY B 218 18.02 -22.03 12.03
N MET B 219 18.02 -20.70 12.16
CA MET B 219 19.06 -19.88 11.57
C MET B 219 19.65 -18.96 12.62
N VAL B 220 20.97 -18.87 12.66
CA VAL B 220 21.64 -17.95 13.58
C VAL B 220 21.75 -16.57 12.93
N ASN B 221 21.85 -15.55 13.76
CA ASN B 221 21.92 -14.18 13.27
C ASN B 221 22.94 -13.97 12.18
N ARG B 222 24.17 -14.44 12.41
CA ARG B 222 25.26 -14.17 11.46
C ARG B 222 24.92 -14.75 10.09
N GLU B 223 24.42 -15.98 10.11
CA GLU B 223 24.00 -16.67 8.90
C GLU B 223 22.89 -15.92 8.18
N VAL B 224 21.94 -15.38 8.95
CA VAL B 224 20.72 -14.79 8.41
C VAL B 224 20.95 -13.72 7.35
N LEU B 225 21.80 -12.74 7.66
CA LEU B 225 22.06 -11.63 6.76
C LEU B 225 22.58 -12.12 5.40
N ASP B 226 23.47 -13.10 5.45
CA ASP B 226 24.06 -13.66 4.24
C ASP B 226 23.01 -14.38 3.38
N GLN B 227 22.23 -15.25 4.00
CA GLN B 227 21.13 -15.92 3.32
C GLN B 227 20.24 -14.94 2.60
N VAL B 228 19.88 -13.87 3.31
CA VAL B 228 18.99 -12.84 2.80
C VAL B 228 19.63 -12.13 1.62
N GLU B 229 20.95 -11.97 1.68
CA GLU B 229 21.71 -11.35 0.60
C GLU B 229 21.61 -12.21 -0.65
N ARG B 230 21.71 -13.53 -0.46
CA ARG B 230 21.60 -14.48 -1.56
C ARG B 230 20.15 -14.69 -2.01
N GLY B 231 19.28 -13.77 -1.62
CA GLY B 231 17.89 -13.81 -2.04
C GLY B 231 16.94 -14.63 -1.19
N TYR B 232 17.40 -15.23 -0.08
CA TYR B 232 16.52 -16.07 0.76
C TYR B 232 15.40 -15.28 1.43
N ARG B 233 14.20 -15.85 1.44
CA ARG B 233 13.04 -15.29 2.13
C ARG B 233 12.21 -16.37 2.84
N MET B 234 11.76 -16.06 4.05
CA MET B 234 10.91 -16.97 4.81
C MET B 234 9.69 -17.45 4.05
N PRO B 235 9.45 -18.77 4.08
CA PRO B 235 8.33 -19.41 3.39
C PRO B 235 7.00 -18.97 3.98
N CYS B 236 5.91 -19.29 3.32
CA CYS B 236 4.60 -19.04 3.89
C CYS B 236 4.48 -19.94 5.11
N PRO B 237 4.10 -19.34 6.26
CA PRO B 237 3.93 -20.11 7.50
C PRO B 237 2.70 -21.01 7.44
N PRO B 238 2.61 -21.99 8.35
CA PRO B 238 1.47 -22.92 8.39
C PRO B 238 0.13 -22.23 8.61
N GLU B 239 -0.80 -22.55 7.71
CA GLU B 239 -2.18 -22.07 7.77
C GLU B 239 -2.33 -20.57 7.49
N CYS B 240 -1.22 -19.89 7.24
CA CYS B 240 -1.27 -18.53 6.72
C CYS B 240 -1.64 -18.56 5.25
N PRO B 241 -2.67 -17.79 4.87
CA PRO B 241 -3.09 -17.69 3.47
C PRO B 241 -1.90 -17.35 2.54
N GLU B 242 -2.00 -17.73 1.27
CA GLU B 242 -0.91 -17.45 0.34
C GLU B 242 -0.90 -16.01 -0.11
N SER B 243 -2.05 -15.34 -0.05
CA SER B 243 -2.09 -13.92 -0.40
C SER B 243 -1.35 -13.10 0.66
N LEU B 244 -1.50 -13.52 1.90
CA LEU B 244 -0.84 -12.89 3.01
C LEU B 244 0.68 -13.03 2.86
N HIS B 245 1.17 -14.26 2.76
CA HIS B 245 2.61 -14.46 2.60
C HIS B 245 3.10 -13.70 1.39
N ASP B 246 2.19 -13.49 0.46
CA ASP B 246 2.50 -12.80 -0.76
C ASP B 246 2.80 -11.35 -0.37
N LEU B 247 1.89 -10.74 0.37
CA LEU B 247 2.11 -9.37 0.83
C LEU B 247 3.47 -9.24 1.53
N MET B 248 3.80 -10.25 2.33
CA MET B 248 5.05 -10.25 3.06
C MET B 248 6.26 -10.09 2.14
N CYS B 249 6.27 -10.85 1.05
CA CYS B 249 7.42 -10.88 0.16
C CYS B 249 7.60 -9.55 -0.54
N GLN B 250 6.48 -8.85 -0.67
CA GLN B 250 6.42 -7.51 -1.24
C GLN B 250 7.20 -6.56 -0.32
N CYS B 251 6.99 -6.74 0.98
CA CYS B 251 7.72 -6.02 2.02
C CYS B 251 9.20 -6.38 2.02
N TRP B 252 9.50 -7.60 1.59
CA TRP B 252 10.87 -8.08 1.57
C TRP B 252 11.52 -7.93 0.20
N ARG B 253 11.06 -6.98 -0.60
CA ARG B 253 11.69 -6.77 -1.89
C ARG B 253 13.08 -6.19 -1.66
N LYS B 254 14.12 -6.86 -2.16
CA LYS B 254 15.50 -6.42 -1.98
C LYS B 254 15.70 -4.93 -2.23
N ASP B 255 14.85 -4.38 -3.10
CA ASP B 255 14.91 -2.96 -3.47
C ASP B 255 13.96 -2.12 -2.62
N PRO B 256 14.53 -1.22 -1.80
CA PRO B 256 13.73 -0.31 -0.95
C PRO B 256 12.58 0.34 -1.74
N GLU B 257 12.91 0.87 -2.92
CA GLU B 257 11.99 1.77 -3.62
C GLU B 257 10.64 1.16 -3.97
N GLU B 258 10.63 -0.16 -4.15
CA GLU B 258 9.42 -0.85 -4.61
C GLU B 258 8.75 -1.74 -3.57
N ARG B 259 9.22 -1.65 -2.32
CA ARG B 259 8.45 -2.14 -1.18
C ARG B 259 7.17 -1.32 -1.05
N PRO B 260 6.11 -1.92 -0.50
CA PRO B 260 4.82 -1.19 -0.45
C PRO B 260 4.92 0.01 0.48
N THR B 261 3.96 0.93 0.43
CA THR B 261 3.90 2.02 1.41
C THR B 261 2.96 1.67 2.55
N PHE B 262 3.16 2.27 3.72
CA PHE B 262 2.30 1.94 4.84
C PHE B 262 0.85 2.30 4.55
N GLU B 263 0.65 3.29 3.68
CA GLU B 263 -0.70 3.68 3.33
C GLU B 263 -1.40 2.50 2.68
N TYR B 264 -0.66 1.81 1.82
CA TYR B 264 -1.22 0.68 1.09
C TYR B 264 -1.40 -0.53 2.01
N LEU B 265 -0.38 -0.80 2.83
CA LEU B 265 -0.48 -1.82 3.87
C LEU B 265 -1.74 -1.65 4.74
N GLN B 266 -1.90 -0.50 5.42
CA GLN B 266 -3.15 -0.26 6.15
C GLN B 266 -4.37 -0.58 5.28
N ALA B 267 -4.38 -0.05 4.07
CA ALA B 267 -5.47 -0.29 3.13
C ALA B 267 -5.65 -1.79 2.84
N PHE B 268 -4.56 -2.44 2.43
CA PHE B 268 -4.60 -3.87 2.10
C PHE B 268 -5.23 -4.71 3.19
N LEU B 269 -4.78 -4.50 4.44
CA LEU B 269 -5.22 -5.26 5.61
C LEU B 269 -6.64 -4.89 6.03
N GLU B 270 -6.89 -3.59 6.13
CA GLU B 270 -8.22 -3.10 6.41
C GLU B 270 -9.30 -3.66 5.45
N ASP B 271 -8.90 -4.09 4.25
CA ASP B 271 -9.87 -4.56 3.26
C ASP B 271 -9.66 -6.03 2.92
N TYR B 272 -8.77 -6.68 3.65
CA TYR B 272 -8.34 -8.03 3.31
C TYR B 272 -9.47 -8.98 2.95
N PHE B 273 -10.59 -8.84 3.65
CA PHE B 273 -11.69 -9.79 3.53
C PHE B 273 -12.73 -9.34 2.52
N THR B 274 -12.73 -8.04 2.24
CA THR B 274 -13.58 -7.45 1.22
C THR B 274 -12.95 -7.50 -0.18
N SER B 275 -11.80 -8.16 -0.32
CA SER B 275 -11.06 -8.14 -1.58
C SER B 275 -10.19 -9.36 -1.83
N THR B 276 -9.20 -9.55 -0.98
CA THR B 276 -8.19 -10.55 -1.26
C THR B 276 -8.68 -11.97 -0.98
N GLU B 277 -9.38 -12.15 0.14
CA GLU B 277 -9.94 -13.46 0.48
C GLU B 277 -11.36 -13.31 1.02
N PRO B 278 -12.34 -13.22 0.11
CA PRO B 278 -13.76 -13.11 0.48
C PRO B 278 -14.37 -14.45 0.90
N GLN B 279 -13.60 -15.52 0.80
CA GLN B 279 -14.06 -16.84 1.25
C GLN B 279 -13.09 -17.48 2.25
N TYR B 280 -12.96 -16.87 3.44
CA TYR B 280 -12.07 -17.39 4.47
C TYR B 280 -12.71 -18.55 5.25
N GLN B 281 -11.97 -19.66 5.36
CA GLN B 281 -12.45 -20.83 6.07
C GLN B 281 -11.67 -21.04 7.37
N PRO B 282 -12.29 -20.70 8.51
CA PRO B 282 -11.66 -20.84 9.83
C PRO B 282 -10.90 -22.16 10.01
N GLY B 283 -9.57 -22.08 9.88
CA GLY B 283 -8.72 -23.25 10.01
C GLY B 283 -8.64 -23.81 11.42
N GLU B 284 -7.64 -24.65 11.65
CA GLU B 284 -7.47 -25.30 12.93
C GLU B 284 -6.74 -24.36 13.88
N ASN B 285 -5.69 -23.72 13.38
CA ASN B 285 -4.96 -22.71 14.14
C ASN B 285 -5.32 -21.28 13.68
N LEU B 286 -5.69 -21.13 12.41
CA LEU B 286 -6.08 -19.81 11.88
C LEU B 286 -7.48 -19.82 11.24
O4 STU C . 2.35 -7.25 -17.35
C25 STU C . 3.06 -6.31 -16.59
C24 STU C . 2.23 -5.58 -15.53
C23 STU C . 0.73 -5.96 -15.50
C22 STU C . 0.13 -6.23 -16.91
C21 STU C . 1.13 -6.85 -17.89
C26 STU C . 0.49 -8.18 -18.30
N2 STU C . 1.25 -6.03 -19.11
C18 STU C . 2.31 -5.16 -19.35
C19 STU C . 3.44 -4.85 -18.59
C6 STU C . 4.39 -3.93 -19.05
C7 STU C . 4.20 -3.29 -20.31
C10 STU C . 3.06 -3.59 -21.05
C11 STU C . 2.12 -4.52 -20.59
C12 STU C . 0.86 -5.04 -21.12
C17 STU C . 0.37 -5.97 -20.17
C16 STU C . -0.83 -6.63 -20.43
C15 STU C . -1.50 -6.35 -21.61
C14 STU C . -1.00 -5.44 -22.53
C13 STU C . 0.19 -4.77 -22.31
C9 STU C . 3.14 -2.77 -22.32
N1 STU C . 4.38 -1.98 -22.22
C8 STU C . 4.99 -2.28 -21.06
O5 STU C . 6.04 -1.79 -20.69
C5 STU C . 5.41 -3.87 -18.00
C20 STU C . 5.02 -4.77 -16.98
C1 STU C . 5.80 -4.94 -15.84
C2 STU C . 6.97 -4.19 -15.76
C3 STU C . 7.35 -3.31 -16.76
C4 STU C . 6.59 -3.13 -17.90
N3 STU C . 3.81 -5.35 -17.38
O6 STU C . -0.56 -5.12 -17.53
C27 STU C . 0.09 -3.86 -17.33
N4 STU C . -0.03 -4.90 -14.80
C28 STU C . -1.07 -5.54 -13.97
O4 STU D . 7.18 -3.42 30.97
C25 STU D . 6.03 -4.15 30.67
C24 STU D . 6.27 -5.24 29.65
C23 STU D . 7.74 -5.21 29.22
C22 STU D . 8.18 -3.81 28.76
C21 STU D . 7.91 -2.85 29.92
C26 STU D . 9.29 -2.61 30.53
N2 STU D . 7.37 -1.57 29.48
C18 STU D . 6.01 -1.27 29.51
C19 STU D . 4.92 -2.02 29.93
C6 STU D . 3.62 -1.49 29.86
C7 STU D . 3.41 -0.19 29.36
C10 STU D . 4.51 0.55 28.94
C11 STU D . 5.80 0.04 29.01
C12 STU D . 7.13 0.54 28.65
C17 STU D . 8.05 -0.49 28.96
C16 STU D . 9.41 -0.30 28.71
C15 STU D . 9.82 0.91 28.17
C14 STU D . 8.91 1.91 27.87
C13 STU D . 7.56 1.75 28.10
C9 STU D . 3.97 1.88 28.47
N1 STU D . 2.51 1.81 28.67
C8 STU D . 2.20 0.61 29.19
O5 STU D . 1.06 0.26 29.46
C5 STU D . 2.75 -2.52 30.37
C20 STU D . 3.56 -3.62 30.72
C1 STU D . 3.00 -4.76 31.24
C2 STU D . 1.63 -4.77 31.41
C3 STU D . 0.82 -3.69 31.07
C4 STU D . 1.36 -2.54 30.55
N3 STU D . 4.88 -3.29 30.42
O6 STU D . 7.66 -3.29 27.49
C27 STU D . 6.56 -4.01 26.98
N4 STU D . 8.06 -6.22 28.19
C28 STU D . 8.21 -7.49 28.88
#